data_4F75
#
_entry.id   4F75
#
_cell.length_a   50.783
_cell.length_b   58.108
_cell.length_c   61.797
_cell.angle_alpha   90.000
_cell.angle_beta   90.000
_cell.angle_gamma   90.000
#
_symmetry.space_group_name_H-M   'P 21 21 21'
#
loop_
_entity.id
_entity.type
_entity.pdbx_description
1 polymer Protease
2 polymer 'N terminal product of substrate RH-IN'
3 polymer 'C terminal product of substrate RH-IN'
4 non-polymer GLYCEROL
5 non-polymer 'ACETATE ION'
6 water water
#
loop_
_entity_poly.entity_id
_entity_poly.type
_entity_poly.pdbx_seq_one_letter_code
_entity_poly.pdbx_strand_id
1 'polypeptide(L)'
;PQITLWKRPLVTIRIGGQLKEALLDTGADDTVLEEMNLPGKWKPKMIGGIGGFIKVRQYDQIPVEICGHKAIGTVLVGPT
PVNIIGRNLLTQIGCTLNF
;
A,B
2 'polypeptide(L)' IRKIL C
3 'polypeptide(L)' FLDGI D
#
# COMPACT_ATOMS: atom_id res chain seq x y z
N PRO A 1 14.18 -6.08 -11.52
CA PRO A 1 14.77 -4.79 -11.20
C PRO A 1 14.77 -4.48 -9.71
N GLN A 2 15.56 -3.50 -9.32
CA GLN A 2 15.45 -2.87 -8.00
C GLN A 2 14.80 -1.51 -8.16
N ILE A 3 13.75 -1.27 -7.39
CA ILE A 3 12.95 -0.05 -7.54
C ILE A 3 13.02 0.69 -6.23
N THR A 4 13.53 1.91 -6.25
CA THR A 4 13.58 2.71 -5.04
C THR A 4 12.25 3.46 -4.94
N LEU A 5 12.06 4.20 -3.85
CA LEU A 5 10.71 4.65 -3.51
C LEU A 5 10.58 6.18 -3.39
N TRP A 6 11.49 6.91 -4.01
CA TRP A 6 11.41 8.38 -4.02
C TRP A 6 10.22 8.83 -4.85
N LYS A 7 9.84 8.00 -5.81
CA LYS A 7 8.67 8.25 -6.64
C LYS A 7 7.72 7.08 -6.43
N ARG A 8 6.44 7.26 -6.77
N ARG A 8 6.45 7.25 -6.78
CA ARG A 8 5.50 6.14 -6.72
CA ARG A 8 5.51 6.14 -6.75
C ARG A 8 6.00 5.02 -7.64
C ARG A 8 6.01 5.01 -7.64
N PRO A 9 5.97 3.76 -7.16
CA PRO A 9 6.43 2.62 -7.95
C PRO A 9 5.37 2.17 -8.98
N LEU A 10 5.18 3.01 -9.97
CA LEU A 10 4.25 2.75 -11.07
C LEU A 10 4.96 1.96 -12.17
N VAL A 11 4.28 0.95 -12.69
CA VAL A 11 4.84 0.14 -13.76
C VAL A 11 3.79 -0.12 -14.81
N THR A 12 4.21 -0.53 -15.99
CA THR A 12 3.25 -0.92 -17.03
C THR A 12 2.94 -2.40 -16.85
N ILE A 13 1.65 -2.75 -16.97
CA ILE A 13 1.19 -4.13 -16.97
C ILE A 13 0.42 -4.40 -18.26
N ARG A 14 0.32 -5.67 -18.64
CA ARG A 14 -0.61 -6.10 -19.67
C ARG A 14 -1.65 -7.05 -19.11
N ILE A 15 -2.92 -6.77 -19.44
CA ILE A 15 -4.03 -7.59 -18.96
C ILE A 15 -5.18 -7.54 -19.97
N GLY A 16 -5.74 -8.71 -20.27
CA GLY A 16 -6.78 -8.82 -21.28
C GLY A 16 -6.37 -8.24 -22.64
N GLY A 17 -5.08 -8.27 -22.90
CA GLY A 17 -4.51 -7.75 -24.14
C GLY A 17 -4.23 -6.26 -24.17
N GLN A 18 -4.50 -5.56 -23.08
CA GLN A 18 -4.38 -4.11 -23.01
C GLN A 18 -3.30 -3.70 -22.02
N LEU A 19 -2.62 -2.61 -22.32
CA LEU A 19 -1.62 -2.05 -21.41
C LEU A 19 -2.25 -1.06 -20.46
N LYS A 20 -1.76 -1.06 -19.23
CA LYS A 20 -2.23 -0.17 -18.17
C LYS A 20 -1.07 0.17 -17.25
N GLU A 21 -1.18 1.29 -16.53
N GLU A 21 -1.17 1.31 -16.55
CA GLU A 21 -0.20 1.65 -15.51
CA GLU A 21 -0.21 1.64 -15.50
C GLU A 21 -0.76 1.29 -14.13
C GLU A 21 -0.78 1.21 -14.16
N ALA A 22 0.07 0.68 -13.30
CA ALA A 22 -0.36 0.20 -12.00
C ALA A 22 0.74 0.43 -10.95
N LEU A 23 0.30 0.54 -9.71
CA LEU A 23 1.15 0.84 -8.57
C LEU A 23 1.49 -0.46 -7.84
N LEU A 24 2.79 -0.73 -7.66
CA LEU A 24 3.24 -1.87 -6.86
C LEU A 24 3.03 -1.56 -5.40
N ASP A 25 2.09 -2.29 -4.75
CA ASP A 25 1.56 -1.89 -3.46
C ASP A 25 1.64 -3.02 -2.45
N THR A 26 2.72 -3.01 -1.68
CA THR A 26 2.91 -4.02 -0.64
C THR A 26 1.88 -3.94 0.51
N GLY A 27 1.16 -2.83 0.57
CA GLY A 27 0.10 -2.64 1.57
C GLY A 27 -1.24 -3.22 1.18
N ALA A 28 -1.33 -3.77 -0.03
CA ALA A 28 -2.57 -4.35 -0.52
C ALA A 28 -2.47 -5.87 -0.57
N ASP A 29 -3.42 -6.56 0.05
CA ASP A 29 -3.50 -8.02 -0.02
C ASP A 29 -3.77 -8.46 -1.46
N ASP A 30 -4.59 -7.66 -2.15
CA ASP A 30 -5.16 -8.02 -3.43
C ASP A 30 -4.86 -6.97 -4.48
N THR A 31 -5.05 -7.39 -5.73
CA THR A 31 -4.86 -6.53 -6.91
C THR A 31 -6.23 -5.97 -7.28
N VAL A 32 -6.29 -4.64 -7.42
CA VAL A 32 -7.55 -3.91 -7.68
C VAL A 32 -7.29 -2.91 -8.82
N LEU A 33 -8.04 -3.06 -9.89
CA LEU A 33 -7.90 -2.21 -11.07
C LEU A 33 -9.17 -1.39 -11.23
N GLU A 34 -8.99 -0.23 -11.86
CA GLU A 34 -10.08 0.66 -12.18
C GLU A 34 -11.05 -0.02 -13.12
N GLU A 35 -12.25 0.53 -13.20
N GLU A 35 -12.27 0.49 -13.18
CA GLU A 35 -13.31 -0.03 -14.02
CA GLU A 35 -13.33 -0.16 -13.94
C GLU A 35 -12.79 -0.41 -15.40
C GLU A 35 -12.87 -0.40 -15.37
N MET A 36 -13.05 -1.65 -15.81
CA MET A 36 -12.64 -2.12 -17.13
C MET A 36 -13.41 -3.41 -17.38
N ASN A 37 -13.49 -3.85 -18.63
CA ASN A 37 -14.05 -5.16 -18.95
C ASN A 37 -12.96 -6.23 -18.90
N LEU A 38 -13.26 -7.38 -18.29
CA LEU A 38 -12.41 -8.57 -18.42
C LEU A 38 -13.26 -9.74 -18.87
N PRO A 39 -12.67 -10.66 -19.65
CA PRO A 39 -13.44 -11.85 -20.03
C PRO A 39 -13.66 -12.81 -18.86
N GLY A 40 -14.78 -13.52 -18.93
CA GLY A 40 -15.07 -14.62 -18.02
C GLY A 40 -16.06 -14.24 -16.94
N LYS A 41 -16.27 -15.17 -16.04
CA LYS A 41 -17.21 -15.00 -14.95
C LYS A 41 -16.56 -14.14 -13.86
N TRP A 42 -17.38 -13.37 -13.16
CA TRP A 42 -16.93 -12.69 -11.97
C TRP A 42 -17.95 -12.87 -10.87
N LYS A 43 -17.49 -12.60 -9.65
CA LYS A 43 -18.30 -12.73 -8.45
C LYS A 43 -18.25 -11.38 -7.74
N PRO A 44 -19.39 -10.91 -7.19
CA PRO A 44 -19.36 -9.71 -6.35
C PRO A 44 -18.60 -9.92 -5.02
N LYS A 45 -17.75 -8.96 -4.66
CA LYS A 45 -16.99 -9.00 -3.42
C LYS A 45 -16.92 -7.59 -2.86
N MET A 46 -16.59 -7.47 -1.57
CA MET A 46 -16.30 -6.18 -0.96
C MET A 46 -14.89 -6.22 -0.36
N ILE A 47 -14.17 -5.11 -0.49
CA ILE A 47 -12.83 -4.97 0.09
C ILE A 47 -12.73 -3.62 0.76
N GLY A 48 -11.84 -3.53 1.74
CA GLY A 48 -11.77 -2.32 2.53
C GLY A 48 -10.37 -1.79 2.57
N GLY A 49 -10.28 -0.53 2.93
CA GLY A 49 -9.00 0.06 3.27
C GLY A 49 -9.26 1.34 4.02
N ILE A 50 -8.36 2.31 3.87
N ILE A 50 -8.37 2.31 3.80
CA ILE A 50 -8.58 3.66 4.38
CA ILE A 50 -8.21 3.45 4.70
C ILE A 50 -9.76 4.24 3.63
C ILE A 50 -9.45 4.33 4.77
N GLY A 51 -10.68 4.87 4.36
N GLY A 51 -10.26 4.37 3.72
CA GLY A 51 -11.86 5.41 3.73
CA GLY A 51 -11.48 5.20 3.71
C GLY A 51 -13.00 4.41 3.67
C GLY A 51 -12.79 4.49 3.99
N GLY A 52 -12.74 3.16 4.00
CA GLY A 52 -13.87 2.23 4.17
C GLY A 52 -13.92 1.18 3.08
N PHE A 53 -15.12 0.66 2.84
CA PHE A 53 -15.32 -0.47 1.94
C PHE A 53 -15.83 -0.07 0.58
N ILE A 54 -15.43 -0.81 -0.45
CA ILE A 54 -16.03 -0.66 -1.77
C ILE A 54 -16.51 -2.01 -2.31
N LYS A 55 -17.41 -1.93 -3.27
CA LYS A 55 -17.83 -3.08 -4.05
C LYS A 55 -16.94 -3.28 -5.27
N VAL A 56 -16.51 -4.52 -5.48
CA VAL A 56 -15.72 -4.90 -6.64
C VAL A 56 -16.24 -6.16 -7.32
N ARG A 57 -15.75 -6.39 -8.54
CA ARG A 57 -15.96 -7.63 -9.26
C ARG A 57 -14.71 -8.47 -9.16
N GLN A 58 -14.86 -9.71 -8.72
CA GLN A 58 -13.70 -10.60 -8.61
C GLN A 58 -13.59 -11.52 -9.82
N TYR A 59 -12.49 -11.36 -10.54
CA TYR A 59 -12.13 -12.26 -11.63
C TYR A 59 -11.00 -13.18 -11.18
N ASP A 60 -11.17 -14.49 -11.31
CA ASP A 60 -10.15 -15.45 -10.90
C ASP A 60 -9.26 -15.89 -12.08
N GLN A 61 -8.01 -16.19 -11.77
CA GLN A 61 -7.09 -16.85 -12.68
C GLN A 61 -6.91 -16.07 -13.99
N ILE A 62 -6.68 -14.77 -13.81
CA ILE A 62 -6.44 -13.86 -14.90
C ILE A 62 -4.93 -13.68 -15.13
N PRO A 63 -4.47 -13.91 -16.35
CA PRO A 63 -3.07 -13.59 -16.64
C PRO A 63 -2.79 -12.10 -16.64
N VAL A 64 -1.70 -11.71 -15.97
CA VAL A 64 -1.26 -10.34 -15.95
C VAL A 64 0.27 -10.35 -16.09
N GLU A 65 0.79 -9.56 -17.02
CA GLU A 65 2.22 -9.44 -17.20
C GLU A 65 2.66 -8.13 -16.56
N ILE A 66 3.61 -8.19 -15.62
CA ILE A 66 3.98 -7.04 -14.80
C ILE A 66 5.45 -6.74 -14.99
N CYS A 67 5.76 -5.64 -15.66
CA CYS A 67 7.14 -5.28 -15.90
C CYS A 67 7.87 -6.49 -16.55
N GLY A 68 7.17 -7.20 -17.42
CA GLY A 68 7.77 -8.33 -18.13
C GLY A 68 7.71 -9.67 -17.40
N HIS A 69 7.15 -9.72 -16.20
CA HIS A 69 7.04 -10.97 -15.45
C HIS A 69 5.61 -11.47 -15.44
N LYS A 70 5.44 -12.78 -15.57
CA LYS A 70 4.11 -13.34 -15.73
C LYS A 70 3.51 -13.73 -14.39
N ALA A 71 2.24 -13.38 -14.23
CA ALA A 71 1.45 -13.81 -13.07
C ALA A 71 0.11 -14.27 -13.63
N ILE A 72 -0.56 -15.13 -12.88
CA ILE A 72 -1.92 -15.55 -13.22
C ILE A 72 -2.63 -15.65 -11.89
N GLY A 73 -3.59 -14.77 -11.65
CA GLY A 73 -4.31 -14.83 -10.40
C GLY A 73 -5.49 -13.90 -10.34
N THR A 74 -5.97 -13.66 -9.11
CA THR A 74 -7.19 -12.91 -8.91
C THR A 74 -7.00 -11.41 -9.16
N VAL A 75 -7.93 -10.84 -9.93
CA VAL A 75 -7.95 -9.41 -10.16
C VAL A 75 -9.32 -8.88 -9.78
N LEU A 76 -9.33 -7.86 -8.93
CA LEU A 76 -10.58 -7.21 -8.52
C LEU A 76 -10.71 -5.95 -9.37
N VAL A 77 -11.94 -5.64 -9.77
CA VAL A 77 -12.20 -4.47 -10.61
C VAL A 77 -13.26 -3.62 -9.91
N GLY A 78 -12.98 -2.33 -9.77
CA GLY A 78 -13.93 -1.45 -9.10
C GLY A 78 -13.38 -0.05 -8.90
N PRO A 79 -14.07 0.77 -8.08
CA PRO A 79 -13.76 2.20 -7.99
C PRO A 79 -12.54 2.54 -7.12
N THR A 80 -11.42 1.93 -7.47
CA THR A 80 -10.18 2.20 -6.79
C THR A 80 -9.63 3.52 -7.33
N PRO A 81 -8.98 4.32 -6.46
CA PRO A 81 -8.37 5.57 -6.98
C PRO A 81 -7.22 5.40 -7.96
N VAL A 82 -6.55 4.26 -7.91
CA VAL A 82 -5.42 3.97 -8.79
C VAL A 82 -5.37 2.45 -8.97
N ASN A 83 -4.87 2.00 -10.12
CA ASN A 83 -4.62 0.59 -10.35
C ASN A 83 -3.53 0.12 -9.39
N ILE A 84 -3.82 -0.96 -8.67
CA ILE A 84 -2.98 -1.45 -7.59
C ILE A 84 -2.61 -2.90 -7.84
N ILE A 85 -1.31 -3.23 -7.85
CA ILE A 85 -0.86 -4.61 -7.86
C ILE A 85 -0.54 -4.96 -6.41
N GLY A 86 -1.30 -5.92 -5.88
CA GLY A 86 -1.15 -6.31 -4.50
C GLY A 86 -0.37 -7.58 -4.33
N ARG A 87 -0.31 -8.07 -3.09
CA ARG A 87 0.64 -9.12 -2.76
C ARG A 87 0.30 -10.43 -3.46
N ASN A 88 -0.96 -10.64 -3.78
CA ASN A 88 -1.33 -11.88 -4.47
C ASN A 88 -0.55 -12.06 -5.79
N LEU A 89 -0.30 -10.97 -6.53
CA LEU A 89 0.52 -11.05 -7.73
C LEU A 89 2.00 -10.69 -7.50
N LEU A 90 2.31 -9.80 -6.55
CA LEU A 90 3.70 -9.49 -6.22
C LEU A 90 4.49 -10.74 -5.84
N THR A 91 3.85 -11.64 -5.11
CA THR A 91 4.52 -12.87 -4.71
C THR A 91 4.83 -13.73 -5.92
N GLN A 92 3.91 -13.74 -6.90
CA GLN A 92 4.10 -14.58 -8.10
C GLN A 92 5.29 -14.15 -8.94
N ILE A 93 5.62 -12.87 -8.93
CA ILE A 93 6.74 -12.35 -9.71
C ILE A 93 8.01 -12.29 -8.90
N GLY A 94 7.97 -12.78 -7.67
CA GLY A 94 9.15 -12.88 -6.84
C GLY A 94 9.58 -11.59 -6.18
N CYS A 95 8.63 -10.70 -5.95
CA CYS A 95 8.92 -9.39 -5.38
C CYS A 95 9.16 -9.49 -3.87
N THR A 96 10.21 -8.85 -3.40
CA THR A 96 10.47 -8.74 -1.95
C THR A 96 10.80 -7.27 -1.61
N LEU A 97 10.65 -6.94 -0.34
CA LEU A 97 11.12 -5.67 0.21
C LEU A 97 12.50 -5.89 0.83
N ASN A 98 13.39 -4.94 0.61
CA ASN A 98 14.76 -5.07 1.09
C ASN A 98 15.27 -3.75 1.66
N PHE A 99 15.91 -3.80 2.82
CA PHE A 99 16.60 -2.64 3.36
C PHE A 99 17.71 -3.06 4.32
N PRO B 1 17.32 -6.36 6.16
CA PRO B 1 16.66 -7.63 5.95
C PRO B 1 15.92 -7.71 4.62
N GLN B 2 15.48 -8.92 4.27
CA GLN B 2 14.64 -9.16 3.11
C GLN B 2 13.29 -9.62 3.64
N ILE B 3 12.23 -8.97 3.17
CA ILE B 3 10.88 -9.29 3.60
C ILE B 3 10.08 -9.81 2.42
N THR B 4 9.65 -11.08 2.50
CA THR B 4 8.78 -11.66 1.48
C THR B 4 7.34 -11.17 1.71
N LEU B 5 6.48 -11.43 0.73
CA LEU B 5 5.15 -10.83 0.68
C LEU B 5 4.06 -11.88 0.71
N TRP B 6 4.42 -13.08 1.17
CA TRP B 6 3.41 -14.11 1.41
C TRP B 6 2.38 -13.68 2.45
N LYS B 7 2.87 -12.99 3.48
CA LYS B 7 2.02 -12.37 4.47
C LYS B 7 2.16 -10.84 4.44
N ARG B 8 1.24 -10.16 5.13
CA ARG B 8 1.36 -8.69 5.28
C ARG B 8 2.72 -8.36 5.88
N PRO B 9 3.45 -7.40 5.29
CA PRO B 9 4.81 -7.07 5.76
C PRO B 9 4.75 -6.15 6.98
N LEU B 10 4.41 -6.76 8.12
CA LEU B 10 4.35 -6.08 9.40
C LEU B 10 5.69 -6.14 10.12
N VAL B 11 6.14 -4.97 10.58
CA VAL B 11 7.39 -4.86 11.32
C VAL B 11 7.18 -4.01 12.56
N THR B 12 8.13 -4.08 13.49
CA THR B 12 8.08 -3.25 14.69
C THR B 12 8.70 -1.88 14.44
N ILE B 13 7.99 -0.85 14.87
CA ILE B 13 8.51 0.50 14.85
C ILE B 13 8.50 1.09 16.24
N ARG B 14 9.29 2.13 16.44
N ARG B 14 9.28 2.16 16.41
CA ARG B 14 9.23 2.91 17.67
CA ARG B 14 9.28 2.93 17.65
C ARG B 14 8.95 4.36 17.32
C ARG B 14 8.94 4.36 17.31
N ILE B 15 7.92 4.92 17.96
CA ILE B 15 7.51 6.30 17.72
C ILE B 15 6.86 6.87 18.97
N GLY B 16 7.22 8.12 19.29
CA GLY B 16 6.73 8.77 20.49
C GLY B 16 6.84 7.94 21.76
N GLY B 17 7.91 7.16 21.88
CA GLY B 17 8.09 6.31 23.05
C GLY B 17 7.18 5.08 23.15
N GLN B 18 6.58 4.65 22.03
CA GLN B 18 5.82 3.40 22.01
C GLN B 18 6.39 2.48 20.92
N LEU B 19 6.44 1.17 21.17
CA LEU B 19 6.69 0.20 20.09
C LEU B 19 5.34 -0.19 19.53
N LYS B 20 5.24 -0.25 18.19
CA LYS B 20 4.00 -0.58 17.52
C LYS B 20 4.30 -1.51 16.36
N GLU B 21 3.28 -2.19 15.88
N GLU B 21 3.30 -2.22 15.89
CA GLU B 21 3.38 -2.99 14.66
CA GLU B 21 3.45 -2.98 14.65
C GLU B 21 2.89 -2.14 13.50
C GLU B 21 2.92 -2.13 13.51
N ALA B 22 3.66 -2.08 12.40
CA ALA B 22 3.24 -1.28 11.26
C ALA B 22 3.48 -1.99 9.94
N LEU B 23 2.67 -1.66 8.95
CA LEU B 23 2.74 -2.29 7.63
C LEU B 23 3.62 -1.46 6.71
N LEU B 24 4.66 -2.10 6.16
CA LEU B 24 5.49 -1.47 5.13
C LEU B 24 4.69 -1.37 3.84
N ASP B 25 4.38 -0.14 3.41
CA ASP B 25 3.37 0.08 2.39
C ASP B 25 3.89 0.95 1.23
N THR B 26 4.36 0.28 0.18
CA THR B 26 4.94 0.99 -0.98
C THR B 26 3.90 1.79 -1.76
N GLY B 27 2.62 1.48 -1.53
CA GLY B 27 1.51 2.18 -2.15
C GLY B 27 1.16 3.50 -1.49
N ALA B 28 1.69 3.75 -0.29
CA ALA B 28 1.31 4.91 0.50
C ALA B 28 2.35 6.01 0.33
N ASP B 29 1.90 7.20 -0.02
CA ASP B 29 2.79 8.36 -0.07
C ASP B 29 3.29 8.77 1.32
N ASP B 30 2.40 8.61 2.29
CA ASP B 30 2.58 9.11 3.65
C ASP B 30 2.52 7.98 4.65
N THR B 31 2.95 8.30 5.86
CA THR B 31 2.94 7.37 6.98
C THR B 31 1.75 7.76 7.83
N VAL B 32 0.90 6.79 8.15
CA VAL B 32 -0.37 7.03 8.82
C VAL B 32 -0.48 6.07 10.00
N LEU B 33 -0.58 6.63 11.20
CA LEU B 33 -0.69 5.82 12.40
C LEU B 33 -2.08 5.87 13.01
N GLU B 34 -2.47 4.73 13.58
CA GLU B 34 -3.67 4.65 14.38
C GLU B 34 -3.67 5.74 15.44
N GLU B 35 -4.87 6.11 15.84
CA GLU B 35 -5.04 7.19 16.80
C GLU B 35 -4.15 7.00 18.03
N MET B 36 -3.39 8.04 18.35
CA MET B 36 -2.49 8.06 19.49
C MET B 36 -2.30 9.51 19.92
N ASN B 37 -2.13 9.73 21.21
CA ASN B 37 -2.11 11.09 21.72
C ASN B 37 -0.71 11.68 21.76
N LEU B 38 -0.22 12.00 20.56
CA LEU B 38 1.13 12.47 20.36
C LEU B 38 1.22 13.94 20.74
N PRO B 39 2.27 14.33 21.48
CA PRO B 39 2.44 15.76 21.75
C PRO B 39 2.97 16.49 20.53
N GLY B 40 2.80 17.81 20.54
CA GLY B 40 3.36 18.66 19.50
C GLY B 40 2.29 19.35 18.69
N LYS B 41 2.73 20.34 17.92
CA LYS B 41 1.87 21.05 17.00
C LYS B 41 1.50 20.16 15.82
N TRP B 42 0.29 20.33 15.33
CA TRP B 42 -0.16 19.56 14.18
C TRP B 42 -1.06 20.42 13.32
N LYS B 43 -1.28 19.95 12.10
CA LYS B 43 -2.19 20.63 11.16
C LYS B 43 -3.17 19.59 10.64
N PRO B 44 -4.41 20.00 10.35
CA PRO B 44 -5.34 19.06 9.75
C PRO B 44 -5.06 18.76 8.29
N LYS B 45 -5.36 17.53 7.92
CA LYS B 45 -5.17 17.05 6.57
C LYS B 45 -6.24 16.01 6.23
N MET B 46 -6.54 15.87 4.95
N MET B 46 -6.54 15.89 4.94
CA MET B 46 -7.38 14.79 4.46
CA MET B 46 -7.37 14.80 4.42
C MET B 46 -6.57 13.90 3.53
C MET B 46 -6.49 13.91 3.57
N ILE B 47 -6.65 12.60 3.75
CA ILE B 47 -5.94 11.61 2.93
C ILE B 47 -6.91 10.56 2.40
N GLY B 48 -6.63 10.11 1.18
CA GLY B 48 -7.54 9.24 0.48
C GLY B 48 -6.95 7.87 0.34
N GLY B 49 -7.83 6.90 0.31
CA GLY B 49 -7.45 5.55 -0.08
C GLY B 49 -8.63 4.86 -0.71
N ILE B 50 -8.63 3.54 -0.60
N ILE B 50 -8.61 3.53 -0.74
CA ILE B 50 -9.50 2.69 -1.39
CA ILE B 50 -9.78 2.82 -1.20
C ILE B 50 -10.98 3.09 -1.31
C ILE B 50 -10.88 3.08 -0.18
N GLY B 51 -11.46 3.44 -0.12
N GLY B 51 -12.07 3.40 -0.69
CA GLY B 51 -12.90 3.68 0.09
CA GLY B 51 -13.17 3.73 0.20
C GLY B 51 -13.35 5.13 0.22
C GLY B 51 -13.41 5.22 0.33
N GLY B 52 -12.39 6.04 0.14
CA GLY B 52 -12.59 7.49 0.31
C GLY B 52 -11.53 8.15 1.16
N PHE B 53 -11.91 9.23 1.83
CA PHE B 53 -11.00 10.05 2.60
C PHE B 53 -11.26 9.95 4.09
N ILE B 54 -10.19 10.12 4.86
CA ILE B 54 -10.29 10.30 6.31
C ILE B 54 -9.54 11.57 6.70
N LYS B 55 -9.97 12.11 7.83
CA LYS B 55 -9.34 13.26 8.45
C LYS B 55 -8.22 12.78 9.35
N VAL B 56 -7.05 13.41 9.21
CA VAL B 56 -5.89 13.11 10.06
C VAL B 56 -5.22 14.37 10.59
N ARG B 57 -4.39 14.16 11.60
CA ARG B 57 -3.54 15.20 12.19
C ARG B 57 -2.13 15.00 11.66
N GLN B 58 -1.58 16.04 11.03
CA GLN B 58 -0.21 15.99 10.50
C GLN B 58 0.80 16.57 11.49
N TYR B 59 1.75 15.72 11.89
CA TYR B 59 2.85 16.11 12.78
C TYR B 59 4.14 16.04 11.99
N ASP B 60 4.98 17.07 12.09
CA ASP B 60 6.22 17.08 11.33
C ASP B 60 7.44 16.73 12.19
N GLN B 61 8.50 16.27 11.51
CA GLN B 61 9.78 16.00 12.13
C GLN B 61 9.67 15.13 13.38
N ILE B 62 8.91 14.04 13.24
CA ILE B 62 8.78 13.05 14.28
C ILE B 62 9.77 11.91 14.07
N PRO B 63 10.65 11.62 15.06
CA PRO B 63 11.52 10.45 14.92
C PRO B 63 10.76 9.13 14.96
N VAL B 64 11.06 8.24 14.01
CA VAL B 64 10.43 6.93 13.90
C VAL B 64 11.52 5.91 13.58
N GLU B 65 11.70 4.91 14.44
CA GLU B 65 12.67 3.85 14.16
C GLU B 65 11.92 2.65 13.59
N ILE B 66 12.39 2.14 12.44
CA ILE B 66 11.72 1.05 11.73
C ILE B 66 12.71 -0.13 11.68
N CYS B 67 12.41 -1.21 12.39
N CYS B 67 12.42 -1.17 12.46
CA CYS B 67 13.31 -2.37 12.48
CA CYS B 67 13.25 -2.35 12.47
C CYS B 67 14.75 -1.99 12.77
C CYS B 67 14.71 -1.96 12.73
N GLY B 68 14.92 -1.03 13.66
CA GLY B 68 16.27 -0.57 14.04
C GLY B 68 16.90 0.48 13.15
N HIS B 69 16.22 0.90 12.08
CA HIS B 69 16.73 1.92 11.20
C HIS B 69 16.04 3.24 11.55
N LYS B 70 16.82 4.27 11.85
CA LYS B 70 16.25 5.53 12.29
C LYS B 70 15.74 6.36 11.11
N ALA B 71 14.60 6.99 11.32
CA ALA B 71 13.99 7.87 10.35
C ALA B 71 13.45 9.07 11.14
N ILE B 72 13.09 10.11 10.41
CA ILE B 72 12.47 11.26 11.04
C ILE B 72 11.70 12.01 9.96
N GLY B 73 10.42 12.24 10.21
CA GLY B 73 9.64 12.95 9.22
C GLY B 73 8.20 13.12 9.60
N THR B 74 7.37 13.34 8.60
CA THR B 74 5.95 13.60 8.84
C THR B 74 5.18 12.34 9.11
N VAL B 75 4.35 12.40 10.15
CA VAL B 75 3.50 11.28 10.54
C VAL B 75 2.08 11.80 10.64
N LEU B 76 1.14 11.08 10.04
CA LEU B 76 -0.27 11.43 10.08
C LEU B 76 -0.97 10.51 11.07
N VAL B 77 -1.84 11.07 11.91
CA VAL B 77 -2.52 10.30 12.93
C VAL B 77 -4.02 10.44 12.75
N GLY B 78 -4.71 9.30 12.74
CA GLY B 78 -6.15 9.31 12.58
C GLY B 78 -6.72 7.92 12.49
N PRO B 79 -7.99 7.81 12.06
CA PRO B 79 -8.72 6.55 12.11
C PRO B 79 -8.44 5.64 10.90
N THR B 80 -7.16 5.37 10.69
CA THR B 80 -6.75 4.28 9.81
C THR B 80 -6.96 2.96 10.54
N PRO B 81 -7.33 1.89 9.80
CA PRO B 81 -7.45 0.59 10.44
C PRO B 81 -6.12 -0.11 10.78
N VAL B 82 -5.01 0.40 10.23
CA VAL B 82 -3.70 -0.24 10.31
C VAL B 82 -2.63 0.86 10.33
N ASN B 83 -1.60 0.72 11.17
CA ASN B 83 -0.44 1.61 11.14
C ASN B 83 0.32 1.36 9.83
N ILE B 84 0.54 2.40 9.03
CA ILE B 84 1.17 2.21 7.73
C ILE B 84 2.41 3.08 7.59
N ILE B 85 3.50 2.46 7.19
CA ILE B 85 4.73 3.17 6.88
C ILE B 85 4.78 3.39 5.38
N GLY B 86 4.70 4.66 4.98
CA GLY B 86 4.69 5.07 3.60
C GLY B 86 6.07 5.43 3.07
N ARG B 87 6.08 5.86 1.82
CA ARG B 87 7.32 6.12 1.11
C ARG B 87 8.17 7.20 1.76
N ASN B 88 7.54 8.16 2.44
CA ASN B 88 8.31 9.27 3.03
C ASN B 88 9.33 8.75 4.03
N LEU B 89 9.00 7.67 4.73
CA LEU B 89 9.97 7.06 5.64
C LEU B 89 10.67 5.85 5.04
N LEU B 90 10.01 5.10 4.14
CA LEU B 90 10.68 3.95 3.52
C LEU B 90 11.95 4.35 2.77
N THR B 91 11.92 5.51 2.14
CA THR B 91 13.11 6.00 1.43
C THR B 91 14.25 6.28 2.40
N GLN B 92 13.92 6.73 3.61
CA GLN B 92 14.93 7.09 4.60
C GLN B 92 15.68 5.87 5.12
N ILE B 93 15.02 4.72 5.10
CA ILE B 93 15.66 3.49 5.54
C ILE B 93 16.25 2.66 4.38
N GLY B 94 16.25 3.21 3.17
CA GLY B 94 16.87 2.56 2.03
C GLY B 94 16.11 1.33 1.56
N CYS B 95 14.80 1.36 1.76
CA CYS B 95 13.93 0.25 1.36
C CYS B 95 13.67 0.28 -0.15
N THR B 96 13.86 -0.87 -0.79
CA THR B 96 13.58 -1.07 -2.20
C THR B 96 12.66 -2.27 -2.42
N LEU B 97 12.00 -2.27 -3.57
CA LEU B 97 11.32 -3.43 -4.11
C LEU B 97 12.24 -4.11 -5.10
N ASN B 98 12.26 -5.44 -5.07
CA ASN B 98 13.23 -6.19 -5.87
C ASN B 98 12.55 -7.42 -6.42
N PHE B 99 12.64 -7.61 -7.74
CA PHE B 99 12.21 -8.85 -8.37
C PHE B 99 13.02 -9.11 -9.65
N ARG C 2 -6.81 -3.09 7.00
CA ARG C 2 -7.31 -4.43 6.60
C ARG C 2 -6.78 -4.80 5.19
N LYS C 3 -7.63 -5.01 4.20
CA LYS C 3 -7.16 -5.60 2.93
C LYS C 3 -6.34 -4.70 2.02
N ILE C 4 -6.83 -3.52 1.68
CA ILE C 4 -6.17 -2.70 0.65
C ILE C 4 -5.71 -1.34 1.18
N LEU C 5 -4.47 -1.28 1.65
CA LEU C 5 -3.85 -0.04 2.10
C LEU C 5 -2.83 0.45 1.06
N LEU D 2 -3.11 5.65 0.00
CA LEU D 2 -2.86 6.95 0.61
C LEU D 2 -1.88 7.81 -0.20
#